data_8DAL
#
_entry.id   8DAL
#
_cell.length_a   75.403
_cell.length_b   75.403
_cell.length_c   120.436
_cell.angle_alpha   90.000
_cell.angle_beta   90.000
_cell.angle_gamma   120.000
#
_symmetry.space_group_name_H-M   'P 62 2 2'
#
loop_
_entity.id
_entity.type
_entity.pdbx_description
1 polymer 'Polymerase acidic protein'
2 non-polymer 6-bromo-3-hydroxy-4-oxo-1,4-dihydropyridine-2-carbonitrile
3 non-polymer 'MANGANESE (II) ION'
4 water water
#
_entity_poly.entity_id   1
_entity_poly.type   'polypeptide(L)'
_entity_poly.pdbx_seq_one_letter_code
;MGSGSAMEDFVRQCFNPMIVELAEKAMKEYGEDPKIETNKFAAICTHLEVCFMYSDFGSGDPNALLKHRFEIIEGRDRIM
AWTVVNSICNTTGVEKPKFLPDLYDYKENRFIEIGVTRREVHIYYLEKANKIKSEKTHIHIFSFTGEEMATKADYTLDEE
SRARIKTRLFTIRQEMASRSLWDSFRQSERGE
;
_entity_poly.pdbx_strand_id   A
#
loop_
_chem_comp.id
_chem_comp.type
_chem_comp.name
_chem_comp.formula
MN non-polymer 'MANGANESE (II) ION' 'Mn 2'
R6O non-polymer 6-bromo-3-hydroxy-4-oxo-1,4-dihydropyridine-2-carbonitrile 'C6 H3 Br N2 O2'
#
# COMPACT_ATOMS: atom_id res chain seq x y z
N SER A 5 -23.17 5.78 -4.01
CA SER A 5 -23.14 4.33 -3.96
C SER A 5 -22.30 3.76 -5.11
N ALA A 6 -21.88 4.63 -6.03
CA ALA A 6 -21.12 4.16 -7.18
C ALA A 6 -19.71 3.74 -6.77
N MET A 7 -19.11 4.42 -5.80
CA MET A 7 -17.77 4.07 -5.38
C MET A 7 -17.72 2.65 -4.81
N GLU A 8 -18.72 2.28 -4.01
CA GLU A 8 -18.76 0.92 -3.48
C GLU A 8 -18.92 -0.11 -4.60
N ASP A 9 -19.80 0.16 -5.56
CA ASP A 9 -19.97 -0.74 -6.69
C ASP A 9 -18.65 -0.91 -7.43
N PHE A 10 -17.98 0.20 -7.76
CA PHE A 10 -16.71 0.10 -8.45
C PHE A 10 -15.71 -0.72 -7.64
N VAL A 11 -15.65 -0.48 -6.33
CA VAL A 11 -14.68 -1.19 -5.49
C VAL A 11 -14.92 -2.69 -5.58
N ARG A 12 -16.18 -3.11 -5.41
CA ARG A 12 -16.47 -4.53 -5.46
C ARG A 12 -16.31 -5.10 -6.87
N GLN A 13 -16.32 -4.26 -7.90
CA GLN A 13 -16.19 -4.76 -9.25
C GLN A 13 -14.74 -4.85 -9.73
N CYS A 14 -13.83 -4.02 -9.20
CA CYS A 14 -12.45 -4.03 -9.68
CA CYS A 14 -12.44 -4.02 -9.68
C CYS A 14 -11.46 -4.69 -8.73
N PHE A 15 -11.86 -4.99 -7.50
CA PHE A 15 -10.97 -5.63 -6.52
C PHE A 15 -11.48 -7.02 -6.19
N ASN A 16 -10.57 -7.96 -6.03
CA ASN A 16 -10.99 -9.33 -5.82
C ASN A 16 -11.58 -9.48 -4.42
N PRO A 17 -12.43 -10.50 -4.21
CA PRO A 17 -13.12 -10.62 -2.93
C PRO A 17 -12.22 -10.62 -1.71
N MET A 18 -11.07 -11.30 -1.77
CA MET A 18 -10.18 -11.33 -0.61
C MET A 18 -9.74 -9.92 -0.22
N ILE A 19 -9.34 -9.12 -1.20
CA ILE A 19 -8.88 -7.76 -0.90
C ILE A 19 -10.02 -6.94 -0.32
N VAL A 20 -11.20 -7.05 -0.91
CA VAL A 20 -12.37 -6.31 -0.42
C VAL A 20 -12.67 -6.70 1.03
N GLU A 21 -12.62 -8.00 1.34
CA GLU A 21 -12.90 -8.44 2.70
C GLU A 21 -11.86 -7.89 3.69
N LEU A 22 -10.58 -7.96 3.32
CA LEU A 22 -9.55 -7.40 4.19
C LEU A 22 -9.76 -5.90 4.41
N ALA A 23 -10.14 -5.18 3.36
CA ALA A 23 -10.35 -3.74 3.49
C ALA A 23 -11.54 -3.42 4.39
N GLU A 24 -12.63 -4.18 4.24
CA GLU A 24 -13.77 -4.03 5.13
C GLU A 24 -13.39 -4.34 6.58
N LYS A 25 -12.51 -5.32 6.79
CA LYS A 25 -12.05 -5.61 8.14
C LYS A 25 -11.23 -4.46 8.71
N ALA A 26 -10.33 -3.89 7.90
CA ALA A 26 -9.59 -2.71 8.33
C ALA A 26 -10.53 -1.58 8.73
N MET A 27 -11.58 -1.36 7.93
CA MET A 27 -12.52 -0.29 8.23
C MET A 27 -13.31 -0.57 9.50
N LYS A 28 -13.72 -1.82 9.70
CA LYS A 28 -14.36 -2.20 10.96
C LYS A 28 -13.43 -1.93 12.14
N GLU A 29 -12.14 -2.21 11.98
CA GLU A 29 -11.17 -1.81 13.00
C GLU A 29 -11.26 -0.32 13.28
N TYR A 30 -11.11 0.49 12.23
CA TYR A 30 -11.19 1.94 12.40
C TYR A 30 -12.55 2.41 12.90
N GLY A 31 -13.56 1.53 12.93
CA GLY A 31 -14.91 1.98 13.22
C GLY A 31 -15.52 2.79 12.10
N GLU A 32 -15.08 2.57 10.86
CA GLU A 32 -15.51 3.36 9.72
C GLU A 32 -16.40 2.54 8.81
N ASP A 33 -17.43 3.19 8.26
CA ASP A 33 -18.37 2.52 7.37
C ASP A 33 -17.88 2.64 5.93
N PRO A 34 -17.65 1.52 5.23
CA PRO A 34 -17.22 1.61 3.81
C PRO A 34 -18.28 2.17 2.89
N LYS A 35 -19.54 2.18 3.29
CA LYS A 35 -20.57 2.80 2.47
C LYS A 35 -20.58 4.32 2.59
N ILE A 36 -19.89 4.86 3.60
CA ILE A 36 -19.82 6.29 3.84
C ILE A 36 -18.44 6.84 3.48
N GLU A 37 -17.40 6.26 4.04
CA GLU A 37 -16.02 6.61 3.70
C GLU A 37 -15.57 5.82 2.46
N THR A 38 -16.27 6.05 1.36
CA THR A 38 -16.04 5.26 0.16
C THR A 38 -14.64 5.48 -0.40
N ASN A 39 -14.16 6.73 -0.35
CA ASN A 39 -12.83 7.03 -0.89
C ASN A 39 -11.75 6.32 -0.09
N LYS A 40 -11.84 6.37 1.24
CA LYS A 40 -10.91 5.60 2.07
C LYS A 40 -11.00 4.11 1.75
N PHE A 41 -12.21 3.62 1.51
CA PHE A 41 -12.41 2.22 1.14
C PHE A 41 -11.61 1.86 -0.12
N ALA A 42 -11.78 2.65 -1.18
CA ALA A 42 -11.04 2.40 -2.41
C ALA A 42 -9.53 2.50 -2.17
N ALA A 43 -9.11 3.50 -1.38
CA ALA A 43 -7.68 3.67 -1.10
C ALA A 43 -7.11 2.45 -0.38
N ILE A 44 -7.83 1.95 0.62
CA ILE A 44 -7.39 0.76 1.34
C ILE A 44 -7.22 -0.40 0.37
N CYS A 45 -8.23 -0.63 -0.48
CA CYS A 45 -8.15 -1.74 -1.43
C CYS A 45 -6.95 -1.58 -2.35
N THR A 46 -6.73 -0.36 -2.85
CA THR A 46 -5.63 -0.13 -3.78
C THR A 46 -4.28 -0.41 -3.12
N HIS A 47 -4.10 0.08 -1.89
CA HIS A 47 -2.85 -0.15 -1.17
C HIS A 47 -2.65 -1.63 -0.87
N LEU A 48 -3.70 -2.32 -0.43
CA LEU A 48 -3.59 -3.76 -0.24
C LEU A 48 -3.12 -4.44 -1.51
N GLU A 49 -3.78 -4.16 -2.63
CA GLU A 49 -3.46 -4.85 -3.87
C GLU A 49 -2.04 -4.55 -4.31
N VAL A 50 -1.58 -3.31 -4.13
CA VAL A 50 -0.20 -2.99 -4.47
C VAL A 50 0.76 -3.80 -3.60
N CYS A 51 0.47 -3.88 -2.30
CA CYS A 51 1.35 -4.65 -1.41
C CYS A 51 1.43 -6.10 -1.84
N PHE A 52 0.30 -6.69 -2.23
CA PHE A 52 0.32 -8.10 -2.63
C PHE A 52 1.02 -8.29 -3.96
N MET A 53 0.81 -7.37 -4.91
CA MET A 53 1.54 -7.44 -6.17
C MET A 53 3.04 -7.34 -5.93
N TYR A 54 3.44 -6.40 -5.07
CA TYR A 54 4.84 -6.20 -4.72
C TYR A 54 5.44 -7.48 -4.17
N SER A 55 4.79 -8.05 -3.14
CA SER A 55 5.30 -9.27 -2.51
C SER A 55 5.31 -10.46 -3.46
N ASP A 56 4.40 -10.48 -4.45
CA ASP A 56 4.38 -11.61 -5.36
C ASP A 56 5.49 -11.54 -6.40
N PHE A 57 5.94 -10.33 -6.75
CA PHE A 57 6.96 -10.17 -7.78
C PHE A 57 8.32 -10.67 -7.35
N GLY A 58 8.48 -11.10 -6.10
CA GLY A 58 9.75 -11.64 -5.63
C GLY A 58 9.90 -13.13 -5.87
N HIS A 68 10.79 -17.25 -2.05
CA HIS A 68 9.97 -16.05 -1.91
C HIS A 68 10.77 -14.91 -1.29
N ARG A 69 10.93 -13.82 -2.04
CA ARG A 69 11.78 -12.72 -1.59
C ARG A 69 11.12 -11.93 -0.46
N PHE A 70 9.83 -11.69 -0.54
CA PHE A 70 9.16 -10.77 0.37
C PHE A 70 8.24 -11.50 1.33
N GLU A 71 8.18 -10.98 2.55
CA GLU A 71 7.21 -11.40 3.54
C GLU A 71 6.16 -10.30 3.67
N ILE A 72 4.89 -10.65 3.48
CA ILE A 72 3.81 -9.67 3.55
C ILE A 72 3.46 -9.46 5.01
N ILE A 73 3.58 -8.23 5.49
CA ILE A 73 3.10 -7.90 6.82
C ILE A 73 1.73 -7.25 6.76
N GLU A 74 1.52 -6.36 5.79
CA GLU A 74 0.21 -5.73 5.61
C GLU A 74 -0.84 -6.78 5.29
N GLY A 75 -2.09 -6.49 5.68
CA GLY A 75 -3.19 -7.42 5.50
C GLY A 75 -3.38 -8.40 6.64
N ARG A 76 -2.40 -8.54 7.52
CA ARG A 76 -2.56 -9.38 8.69
C ARG A 76 -3.21 -8.59 9.82
N ASP A 77 -3.86 -9.30 10.72
CA ASP A 77 -4.27 -8.65 11.96
C ASP A 77 -3.03 -8.27 12.77
N ARG A 78 -3.21 -7.31 13.68
CA ARG A 78 -2.06 -6.73 14.36
C ARG A 78 -1.28 -7.78 15.14
N ILE A 79 -1.99 -8.75 15.74
CA ILE A 79 -1.31 -9.84 16.44
C ILE A 79 -0.35 -10.56 15.50
N MET A 80 -0.86 -11.03 14.36
CA MET A 80 -0.04 -11.77 13.42
C MET A 80 1.07 -10.90 12.84
N ALA A 81 0.74 -9.67 12.47
CA ALA A 81 1.74 -8.77 11.92
C ALA A 81 2.91 -8.60 12.86
N TRP A 82 2.63 -8.34 14.14
CA TRP A 82 3.71 -8.17 15.09
C TRP A 82 4.42 -9.48 15.40
N THR A 83 3.70 -10.60 15.37
CA THR A 83 4.37 -11.89 15.54
C THR A 83 5.40 -12.09 14.45
N VAL A 84 5.05 -11.75 13.21
CA VAL A 84 5.95 -11.96 12.08
C VAL A 84 7.12 -10.97 12.15
N VAL A 85 6.82 -9.71 12.46
CA VAL A 85 7.90 -8.73 12.64
C VAL A 85 8.89 -9.19 13.69
N ASN A 86 8.38 -9.69 14.82
CA ASN A 86 9.26 -10.12 15.90
C ASN A 86 10.06 -11.35 15.52
N SER A 87 9.45 -12.28 14.78
CA SER A 87 10.20 -13.43 14.29
C SER A 87 11.34 -12.98 13.39
N ILE A 88 11.06 -12.07 12.46
CA ILE A 88 12.10 -11.59 11.54
C ILE A 88 13.23 -10.93 12.34
N CYS A 89 12.87 -10.04 13.27
CA CYS A 89 13.88 -9.36 14.06
C CYS A 89 14.73 -10.36 14.85
N ASN A 90 14.09 -11.37 15.43
CA ASN A 90 14.83 -12.34 16.23
C ASN A 90 15.78 -13.16 15.38
N THR A 91 15.38 -13.51 14.16
CA THR A 91 16.21 -14.35 13.31
C THR A 91 17.15 -13.57 12.38
N THR A 92 17.09 -12.25 12.36
CA THR A 92 17.98 -11.44 11.53
C THR A 92 18.76 -10.38 12.28
N GLY A 93 18.29 -9.92 13.44
CA GLY A 93 18.91 -8.82 14.13
C GLY A 93 18.57 -7.44 13.59
N VAL A 94 17.78 -7.35 12.52
CA VAL A 94 17.31 -6.04 12.07
C VAL A 94 16.54 -5.37 13.19
N GLU A 95 16.77 -4.07 13.36
CA GLU A 95 16.09 -3.34 14.43
C GLU A 95 14.58 -3.38 14.21
N LYS A 96 13.83 -3.44 15.30
CA LYS A 96 12.38 -3.53 15.24
C LYS A 96 11.78 -2.18 14.87
N PRO A 97 10.97 -2.12 13.81
CA PRO A 97 10.33 -0.85 13.46
C PRO A 97 9.37 -0.40 14.55
N LYS A 98 9.19 0.91 14.65
CA LYS A 98 8.26 1.48 15.62
C LYS A 98 6.83 1.39 15.13
N PHE A 99 6.62 1.40 13.82
CA PHE A 99 5.30 1.25 13.22
C PHE A 99 5.29 -0.01 12.36
N LEU A 100 4.12 -0.63 12.25
CA LEU A 100 3.98 -1.79 11.39
C LEU A 100 4.31 -1.43 9.95
N PRO A 101 5.37 -1.98 9.39
CA PRO A 101 5.68 -1.73 7.98
C PRO A 101 4.82 -2.62 7.10
N ASP A 102 5.03 -2.54 5.79
CA ASP A 102 4.22 -3.27 4.82
C ASP A 102 4.83 -4.61 4.39
N LEU A 103 6.14 -4.66 4.15
CA LEU A 103 6.78 -5.90 3.71
C LEU A 103 8.12 -6.05 4.39
N TYR A 104 8.69 -7.25 4.30
CA TYR A 104 10.09 -7.47 4.63
C TYR A 104 10.80 -8.09 3.44
N ASP A 105 11.92 -7.49 3.04
CA ASP A 105 12.71 -7.93 1.91
C ASP A 105 13.85 -8.80 2.44
N TYR A 106 13.79 -10.10 2.12
CA TYR A 106 14.78 -11.06 2.57
C TYR A 106 16.09 -10.96 1.81
N LYS A 107 16.06 -10.44 0.58
CA LYS A 107 17.30 -10.27 -0.17
C LYS A 107 18.10 -9.10 0.36
N GLU A 108 17.52 -7.89 0.33
CA GLU A 108 18.18 -6.74 0.92
C GLU A 108 18.15 -6.78 2.45
N ASN A 109 17.28 -7.60 3.04
CA ASN A 109 17.16 -7.72 4.49
C ASN A 109 16.77 -6.39 5.12
N ARG A 110 15.59 -5.90 4.74
CA ARG A 110 15.12 -4.63 5.28
C ARG A 110 13.62 -4.58 5.19
N PHE A 111 12.99 -3.84 6.10
CA PHE A 111 11.56 -3.63 6.01
C PHE A 111 11.25 -2.58 4.97
N ILE A 112 10.05 -2.68 4.40
CA ILE A 112 9.60 -1.75 3.37
C ILE A 112 8.26 -1.18 3.77
N GLU A 113 8.13 0.14 3.67
CA GLU A 113 6.86 0.84 3.75
C GLU A 113 6.44 1.19 2.33
N ILE A 114 5.23 0.80 1.95
CA ILE A 114 4.69 1.06 0.62
C ILE A 114 3.72 2.23 0.72
N GLY A 115 3.95 3.26 -0.07
CA GLY A 115 3.01 4.37 -0.15
C GLY A 115 2.32 4.46 -1.48
N VAL A 116 1.01 4.69 -1.47
CA VAL A 116 0.23 4.94 -2.67
C VAL A 116 -0.52 6.25 -2.45
N THR A 117 -0.28 7.24 -3.31
CA THR A 117 -0.76 8.58 -3.09
C THR A 117 -1.38 9.14 -4.37
N ARG A 118 -2.36 10.04 -4.18
CA ARG A 118 -2.91 10.86 -5.25
C ARG A 118 -2.21 12.20 -5.39
N ARG A 119 -1.22 12.49 -4.55
CA ARG A 119 -0.44 13.71 -4.65
C ARG A 119 0.91 13.42 -5.29
N GLU A 120 1.74 14.45 -5.39
CA GLU A 120 3.10 14.28 -5.92
C GLU A 120 3.85 13.26 -5.08
N VAL A 121 4.62 12.39 -5.76
CA VAL A 121 5.32 11.33 -5.03
C VAL A 121 6.28 11.91 -4.00
N HIS A 122 6.92 13.06 -4.28
CA HIS A 122 7.92 13.56 -3.35
C HIS A 122 7.29 14.12 -2.08
N ILE A 123 6.12 14.73 -2.20
CA ILE A 123 5.43 15.25 -1.01
C ILE A 123 5.04 14.10 -0.08
N TYR A 124 4.44 13.05 -0.64
CA TYR A 124 4.08 11.91 0.18
C TYR A 124 5.30 11.18 0.71
N TYR A 125 6.38 11.09 -0.08
CA TYR A 125 7.61 10.52 0.42
C TYR A 125 8.07 11.25 1.67
N LEU A 126 8.11 12.58 1.60
CA LEU A 126 8.51 13.36 2.75
C LEU A 126 7.59 13.09 3.94
N GLU A 127 6.29 13.02 3.70
CA GLU A 127 5.35 12.72 4.78
C GLU A 127 5.69 11.39 5.45
N LYS A 128 5.89 10.34 4.65
CA LYS A 128 6.16 9.02 5.19
C LYS A 128 7.49 8.99 5.94
N ALA A 129 8.52 9.63 5.37
CA ALA A 129 9.84 9.59 6.00
C ALA A 129 9.86 10.38 7.29
N ASN A 130 9.12 11.50 7.33
CA ASN A 130 8.99 12.25 8.57
C ASN A 130 8.21 11.47 9.62
N LYS A 131 7.21 10.68 9.19
CA LYS A 131 6.41 9.91 10.14
C LYS A 131 7.21 8.77 10.74
N ILE A 132 7.74 7.88 9.89
CA ILE A 132 8.32 6.65 10.41
C ILE A 132 9.68 6.90 11.02
N LYS A 133 10.34 8.02 10.67
CA LYS A 133 11.49 8.54 11.42
C LYS A 133 12.58 7.49 11.64
N SER A 134 12.64 6.49 10.76
CA SER A 134 13.62 5.40 10.88
C SER A 134 14.45 5.33 9.61
N GLU A 135 15.77 5.44 9.76
CA GLU A 135 16.66 5.38 8.62
C GLU A 135 16.67 4.01 7.96
N LYS A 136 16.19 2.98 8.65
CA LYS A 136 16.34 1.60 8.21
C LYS A 136 15.19 1.11 7.32
N THR A 137 13.95 1.48 7.64
CA THR A 137 12.82 1.06 6.82
C THR A 137 12.90 1.71 5.44
N HIS A 138 13.04 0.90 4.41
CA HIS A 138 13.00 1.40 3.05
C HIS A 138 11.59 1.87 2.69
N ILE A 139 11.51 3.00 1.99
CA ILE A 139 10.23 3.58 1.60
C ILE A 139 10.12 3.55 0.08
N HIS A 140 8.93 3.20 -0.42
CA HIS A 140 8.67 3.17 -1.85
C HIS A 140 7.28 3.73 -2.09
N ILE A 141 7.22 4.85 -2.79
CA ILE A 141 5.99 5.59 -3.07
C ILE A 141 5.64 5.39 -4.53
N PHE A 142 4.38 5.04 -4.79
CA PHE A 142 3.81 4.99 -6.13
C PHE A 142 2.68 6.01 -6.23
N SER A 143 2.57 6.66 -7.39
CA SER A 143 1.42 7.50 -7.67
C SER A 143 0.50 6.80 -8.67
N PHE A 144 -0.60 7.46 -8.98
CA PHE A 144 -1.51 7.01 -10.02
C PHE A 144 -1.13 7.54 -11.39
N THR A 145 0.01 8.21 -11.52
CA THR A 145 0.44 8.77 -12.78
C THR A 145 1.68 8.07 -13.34
N GLY A 146 2.05 6.93 -12.77
CA GLY A 146 3.23 6.21 -13.21
C GLY A 146 4.52 6.68 -12.59
N GLU A 147 4.47 7.56 -11.59
CA GLU A 147 5.67 8.05 -10.95
C GLU A 147 5.95 7.23 -9.69
N GLU A 148 7.24 7.19 -9.32
CA GLU A 148 7.60 6.53 -8.08
C GLU A 148 8.73 7.33 -7.44
N MET A 149 8.96 7.03 -6.16
CA MET A 149 10.11 7.55 -5.45
C MET A 149 10.47 6.56 -4.36
N ALA A 150 11.75 6.29 -4.20
CA ALA A 150 12.20 5.28 -3.24
C ALA A 150 13.45 5.78 -2.55
N THR A 151 13.61 5.35 -1.29
CA THR A 151 14.82 5.68 -0.56
C THR A 151 16.05 5.40 -1.42
N LYS A 152 16.98 6.34 -1.43
CA LYS A 152 18.22 6.22 -2.17
C LYS A 152 18.00 6.00 -3.66
N ALA A 153 16.78 6.22 -4.15
CA ALA A 153 16.41 5.83 -5.51
C ALA A 153 16.67 4.35 -5.76
N ASP A 154 16.61 3.54 -4.71
CA ASP A 154 16.71 2.08 -4.82
C ASP A 154 15.29 1.53 -4.83
N TYR A 155 14.83 1.13 -6.01
CA TYR A 155 13.46 0.70 -6.20
C TYR A 155 13.25 -0.80 -5.99
N THR A 156 14.26 -1.51 -5.48
CA THR A 156 14.10 -2.89 -5.03
C THR A 156 13.78 -3.87 -6.15
N LEU A 157 12.72 -3.59 -6.91
CA LEU A 157 12.20 -4.51 -7.92
C LEU A 157 12.80 -4.21 -9.29
N ASP A 158 12.61 -5.15 -10.21
CA ASP A 158 13.05 -4.90 -11.57
C ASP A 158 12.00 -4.07 -12.32
N GLU A 159 12.37 -3.60 -13.51
CA GLU A 159 11.53 -2.63 -14.20
C GLU A 159 10.17 -3.22 -14.55
N GLU A 160 10.10 -4.51 -14.86
CA GLU A 160 8.84 -5.12 -15.27
C GLU A 160 7.82 -5.12 -14.14
N SER A 161 8.23 -5.49 -12.92
CA SER A 161 7.30 -5.54 -11.80
C SER A 161 6.78 -4.15 -11.45
N ARG A 162 7.67 -3.17 -11.42
CA ARG A 162 7.23 -1.81 -11.17
C ARG A 162 6.31 -1.32 -12.28
N ALA A 163 6.60 -1.72 -13.52
CA ALA A 163 5.70 -1.41 -14.62
C ALA A 163 4.31 -2.00 -14.38
N ARG A 164 4.26 -3.25 -13.92
CA ARG A 164 2.97 -3.89 -13.67
C ARG A 164 2.18 -3.13 -12.62
N ILE A 165 2.85 -2.72 -11.55
CA ILE A 165 2.17 -1.95 -10.51
C ILE A 165 1.70 -0.59 -11.04
N LYS A 166 2.56 0.11 -11.79
CA LYS A 166 2.18 1.42 -12.31
C LYS A 166 0.98 1.28 -13.24
N THR A 167 1.00 0.26 -14.11
CA THR A 167 -0.14 0.01 -14.98
C THR A 167 -1.40 -0.19 -14.16
N ARG A 168 -1.35 -1.06 -13.15
CA ARG A 168 -2.54 -1.32 -12.37
C ARG A 168 -3.07 -0.04 -11.73
N LEU A 169 -2.18 0.79 -11.19
CA LEU A 169 -2.64 2.02 -10.53
C LEU A 169 -3.26 2.99 -11.53
N PHE A 170 -2.62 3.18 -12.68
CA PHE A 170 -3.19 4.02 -13.72
C PHE A 170 -4.55 3.49 -14.15
N THR A 171 -4.68 2.17 -14.30
CA THR A 171 -5.94 1.59 -14.72
C THR A 171 -7.02 1.84 -13.68
N ILE A 172 -6.69 1.72 -12.40
CA ILE A 172 -7.68 2.06 -11.37
C ILE A 172 -8.10 3.51 -11.52
N ARG A 173 -7.14 4.40 -11.72
CA ARG A 173 -7.47 5.81 -11.88
C ARG A 173 -8.42 6.01 -13.05
N GLN A 174 -8.14 5.36 -14.18
CA GLN A 174 -8.95 5.57 -15.38
C GLN A 174 -10.34 4.96 -15.21
N GLU A 175 -10.43 3.82 -14.53
CA GLU A 175 -11.75 3.27 -14.23
C GLU A 175 -12.55 4.24 -13.39
N MET A 176 -11.94 4.79 -12.33
CA MET A 176 -12.64 5.81 -11.53
C MET A 176 -13.05 6.98 -12.40
N ALA A 177 -12.18 7.40 -13.32
CA ALA A 177 -12.49 8.54 -14.18
C ALA A 177 -13.71 8.26 -15.05
N SER A 178 -13.77 7.07 -15.67
CA SER A 178 -14.90 6.77 -16.54
C SER A 178 -16.21 6.76 -15.76
N ARG A 179 -16.15 6.46 -14.46
CA ARG A 179 -17.32 6.48 -13.59
C ARG A 179 -17.50 7.82 -12.87
N SER A 180 -16.72 8.84 -13.21
CA SER A 180 -16.83 10.15 -12.60
C SER A 180 -16.45 10.12 -11.12
N LEU A 181 -15.62 9.17 -10.72
CA LEU A 181 -15.21 9.00 -9.33
C LEU A 181 -13.82 9.55 -9.05
N TRP A 182 -13.01 9.79 -10.08
CA TRP A 182 -11.61 10.14 -9.84
C TRP A 182 -11.48 11.50 -9.16
N ASP A 183 -12.32 12.46 -9.54
CA ASP A 183 -12.19 13.81 -8.99
C ASP A 183 -12.32 13.80 -7.47
N SER A 184 -13.39 13.21 -6.96
CA SER A 184 -13.55 13.14 -5.50
C SER A 184 -12.38 12.39 -4.88
N PHE A 185 -11.97 11.28 -5.49
CA PHE A 185 -10.96 10.41 -4.89
C PHE A 185 -9.61 11.11 -4.78
N ARG A 186 -9.22 11.90 -5.78
CA ARG A 186 -7.90 12.53 -5.72
C ARG A 186 -7.90 13.74 -4.82
N GLN A 187 -8.98 14.54 -4.82
CA GLN A 187 -9.05 15.66 -3.90
C GLN A 187 -9.13 15.22 -2.44
N SER A 188 -9.40 13.96 -2.18
CA SER A 188 -9.41 13.44 -0.82
C SER A 188 -8.03 12.87 -0.47
N GLU A 189 -7.58 13.15 0.75
CA GLU A 189 -6.37 12.56 1.29
C GLU A 189 -6.65 11.35 2.16
N ARG A 190 -7.92 10.96 2.29
CA ARG A 190 -8.28 9.81 3.11
C ARG A 190 -7.66 8.53 2.55
N GLY A 191 -7.04 7.75 3.43
CA GLY A 191 -6.37 6.53 3.06
C GLY A 191 -4.87 6.64 2.93
N GLU A 192 -4.34 7.85 2.81
CA GLU A 192 -2.90 8.07 2.76
C GLU A 192 -2.36 8.41 4.14
C02 R6O B . -0.02 2.01 5.32
C03 R6O B . -0.99 1.94 6.49
C04 R6O B . -0.94 0.78 7.49
C07 R6O B . -2.06 4.14 5.74
C09 R6O B . -1.10 4.22 4.56
C10 R6O B . -0.08 3.16 4.37
N05 R6O B . -0.90 -0.07 8.21
N06 R6O B . -2.01 3.00 6.68
O01 R6O B . 0.94 1.01 5.14
O11 R6O B . 0.67 3.22 3.45
BR08 R6O B . -3.39 5.53 5.98
H091 R6O B . -1.15 5.06 3.88
H061 R6O B . -2.64 2.95 7.45
MN MN C . 1.88 1.42 3.31
MN MN D . 0.76 -0.78 6.26
#